data_7LCU
#
_entry.id   7LCU
#
_cell.length_a   95.994
_cell.length_b   67.383
_cell.length_c   88.632
_cell.angle_alpha   90.000
_cell.angle_beta   122.697
_cell.angle_gamma   90.000
#
_symmetry.space_group_name_H-M   'C 1 2 1'
#
loop_
_entity.id
_entity.type
_entity.pdbx_description
1 polymer Furin
2 non-polymer 'CALCIUM ION'
3 non-polymer '(1-{[2-(3,5-dichlorophenyl)-6-{[2-(4-methylpiperazin-1-yl)pyrimidin-5-yl]oxy}pyridin-4-yl]methyl}piperidin-4-yl)acetic acid'
4 non-polymer 1,2-ETHANEDIOL
5 water water
#
_entity_poly.entity_id   1
_entity_poly.type   'polypeptide(L)'
_entity_poly.pdbx_seq_one_letter_code
;DVYQEPTDPKFPQQWYLSGVTQRDLNVKAAWAQGYTGHGIVVSILDDGIEKNHPDLAGNYDPGASFDVNDQDPDPQPRYT
QMNDNRHGTRCAGEVAAVANNGVCGVGVAYNARIGGVRMLDGEVTDAVEARSLGLNPNHIHIYSASWGPEDDGKTVDGPA
RLAEEAFFRGVSQGRGGLGSIFVWASGNGGREHDSCNCDGYTNSIYTLSISSATQFGNVPWYSEACSSTLATTYSSGNQN
EKQIVTTDLRQKCTESHTGTSASAPLAAGIIALTLEANKDLTWRDMQHLVVQTSKPAHLNANDWATNGVGRKVSHSYGYG
LLDAGAMVALAQDWTTVAPQRKCIIDILTEPKDIGKRLEVRKTVTACLGEPNHITRLEHAQARLTLSYNRRGDLAIHLVS
PMGTRSTLLAARPHDYSADGFNDWAFMTTHSWDEDPSGEWVLEIENTSEANNYGTLTKFTLVLYGTAGENLYFQGDYKDD
DDKGHHHHHH
;
_entity_poly.pdbx_strand_id   A
#
loop_
_chem_comp.id
_chem_comp.type
_chem_comp.name
_chem_comp.formula
CA non-polymer 'CALCIUM ION' 'Ca 2'
EDO non-polymer 1,2-ETHANEDIOL 'C2 H6 O2'
XTA non-polymer '(1-{[2-(3,5-dichlorophenyl)-6-{[2-(4-methylpiperazin-1-yl)pyrimidin-5-yl]oxy}pyridin-4-yl]methyl}piperidin-4-yl)acetic acid' 'C28 H32 Cl2 N6 O3'
#
# COMPACT_ATOMS: atom_id res chain seq x y z
N TYR A 3 10.81 28.06 -11.81
CA TYR A 3 9.70 27.43 -11.11
C TYR A 3 8.88 28.45 -10.33
N GLN A 4 7.55 28.40 -10.50
CA GLN A 4 6.63 29.19 -9.71
C GLN A 4 5.58 28.28 -9.11
N GLU A 5 5.26 28.53 -7.84
CA GLU A 5 4.20 27.82 -7.12
C GLU A 5 2.90 27.87 -7.91
N PRO A 6 2.10 26.80 -7.87
CA PRO A 6 0.86 26.79 -8.67
C PRO A 6 -0.07 27.95 -8.30
N THR A 7 -0.76 28.46 -9.32
CA THR A 7 -1.71 29.54 -9.17
C THR A 7 -3.16 29.08 -9.13
N ASP A 8 -3.40 27.76 -9.20
CA ASP A 8 -4.75 27.24 -9.28
C ASP A 8 -5.58 27.69 -8.07
N PRO A 9 -6.88 27.94 -8.27
CA PRO A 9 -7.66 28.59 -7.21
C PRO A 9 -7.78 27.78 -5.93
N LYS A 10 -7.74 26.45 -6.01
CA LYS A 10 -7.88 25.62 -4.82
C LYS A 10 -6.56 25.06 -4.31
N PHE A 11 -5.43 25.44 -4.91
CA PHE A 11 -4.16 24.99 -4.36
C PHE A 11 -3.98 25.38 -2.90
N PRO A 12 -4.38 26.57 -2.43
CA PRO A 12 -4.20 26.87 -1.01
C PRO A 12 -4.94 25.89 -0.11
N GLN A 13 -6.08 25.38 -0.57
CA GLN A 13 -6.87 24.39 0.16
C GLN A 13 -6.24 23.01 0.15
N GLN A 14 -5.27 22.75 -0.74
CA GLN A 14 -4.56 21.46 -0.78
C GLN A 14 -3.45 21.47 0.28
N TRP A 15 -3.89 21.45 1.54
CA TRP A 15 -3.02 21.69 2.68
C TRP A 15 -1.90 20.67 2.78
N TYR A 16 -2.13 19.45 2.30
CA TYR A 16 -1.13 18.39 2.32
C TYR A 16 -0.04 18.60 1.27
N LEU A 17 -0.20 19.59 0.38
CA LEU A 17 0.81 20.03 -0.60
C LEU A 17 1.26 21.47 -0.37
N SER A 18 0.34 22.37 -0.04
CA SER A 18 0.66 23.79 0.00
C SER A 18 1.12 24.25 1.37
N GLY A 19 1.02 23.39 2.39
CA GLY A 19 1.31 23.81 3.74
C GLY A 19 2.70 24.38 3.90
N VAL A 20 2.87 25.17 4.95
CA VAL A 20 4.16 25.78 5.26
C VAL A 20 4.51 25.54 6.72
N THR A 21 3.69 24.75 7.41
CA THR A 21 3.93 24.40 8.81
C THR A 21 4.54 23.01 8.97
N GLN A 22 5.17 22.48 7.92
CA GLN A 22 5.87 21.19 7.96
C GLN A 22 4.93 20.03 8.24
N ARG A 23 3.63 20.24 8.06
CA ARG A 23 2.64 19.17 8.15
C ARG A 23 2.11 18.82 6.77
N ASP A 24 3.01 18.40 5.87
CA ASP A 24 2.63 18.16 4.49
C ASP A 24 3.58 17.11 3.90
N LEU A 25 3.36 16.80 2.63
CA LEU A 25 4.06 15.73 1.95
C LEU A 25 5.40 16.17 1.34
N ASN A 26 5.82 17.42 1.59
CA ASN A 26 7.09 17.94 1.11
C ASN A 26 7.21 17.81 -0.41
N VAL A 27 6.11 18.12 -1.10
CA VAL A 27 6.11 18.03 -2.56
CA VAL A 27 6.08 18.03 -2.56
C VAL A 27 6.67 19.28 -3.22
N LYS A 28 6.49 20.46 -2.61
CA LYS A 28 7.04 21.67 -3.20
C LYS A 28 8.55 21.56 -3.38
N ALA A 29 9.23 20.90 -2.43
CA ALA A 29 10.68 20.72 -2.56
C ALA A 29 11.03 19.93 -3.81
N ALA A 30 10.20 18.93 -4.16
CA ALA A 30 10.46 18.15 -5.36
C ALA A 30 10.17 18.98 -6.61
N TRP A 31 9.05 19.71 -6.63
CA TRP A 31 8.74 20.57 -7.76
C TRP A 31 9.84 21.60 -7.99
N ALA A 32 10.37 22.17 -6.91
CA ALA A 32 11.38 23.22 -7.04
C ALA A 32 12.67 22.71 -7.67
N GLN A 33 12.93 21.41 -7.60
CA GLN A 33 14.07 20.81 -8.28
C GLN A 33 13.75 20.38 -9.69
N GLY A 34 12.54 20.68 -10.17
CA GLY A 34 12.17 20.36 -11.53
C GLY A 34 11.55 19.01 -11.74
N TYR A 35 11.07 18.36 -10.67
CA TYR A 35 10.42 17.05 -10.78
C TYR A 35 8.92 17.23 -10.61
N THR A 36 8.17 16.99 -11.68
CA THR A 36 6.73 17.18 -11.71
C THR A 36 6.00 16.00 -12.34
N GLY A 37 6.71 14.93 -12.70
CA GLY A 37 6.09 13.76 -13.28
C GLY A 37 6.23 13.65 -14.78
N HIS A 38 6.92 14.58 -15.43
CA HIS A 38 7.11 14.53 -16.88
CA HIS A 38 7.09 14.52 -16.88
C HIS A 38 7.60 13.15 -17.30
N GLY A 39 6.94 12.56 -18.29
CA GLY A 39 7.36 11.30 -18.85
C GLY A 39 6.85 10.07 -18.14
N ILE A 40 6.13 10.23 -17.02
CA ILE A 40 5.64 9.11 -16.23
C ILE A 40 4.16 8.91 -16.53
N VAL A 41 3.72 7.65 -16.53
CA VAL A 41 2.35 7.27 -16.86
C VAL A 41 1.76 6.53 -15.67
N VAL A 42 0.59 7.00 -15.20
CA VAL A 42 -0.09 6.40 -14.05
C VAL A 42 -1.50 6.00 -14.47
N SER A 43 -1.97 4.86 -13.97
CA SER A 43 -3.34 4.41 -14.23
C SER A 43 -4.09 4.13 -12.93
N ILE A 44 -5.33 4.63 -12.85
CA ILE A 44 -6.20 4.47 -11.68
C ILE A 44 -7.13 3.29 -11.93
N LEU A 45 -7.07 2.27 -11.08
CA LEU A 45 -7.95 1.11 -11.18
C LEU A 45 -9.18 1.36 -10.31
N ASP A 46 -10.32 1.62 -10.95
CA ASP A 46 -11.48 2.11 -10.19
C ASP A 46 -12.75 2.02 -11.03
N ASP A 47 -13.66 2.97 -10.84
CA ASP A 47 -14.97 2.95 -11.48
C ASP A 47 -15.02 3.75 -12.78
N GLY A 48 -13.87 4.17 -13.31
CA GLY A 48 -13.79 4.95 -14.52
C GLY A 48 -13.18 6.32 -14.26
N ILE A 49 -12.85 7.01 -15.35
CA ILE A 49 -12.22 8.32 -15.29
C ILE A 49 -12.91 9.27 -16.27
N GLU A 50 -13.30 10.43 -15.76
CA GLU A 50 -13.94 11.46 -16.59
C GLU A 50 -12.85 12.17 -17.39
N LYS A 51 -12.54 11.61 -18.57
CA LYS A 51 -11.35 12.02 -19.32
C LYS A 51 -11.45 13.45 -19.85
N ASN A 52 -12.66 13.99 -19.99
CA ASN A 52 -12.87 15.34 -20.46
C ASN A 52 -12.97 16.35 -19.32
N HIS A 53 -12.72 15.94 -18.08
CA HIS A 53 -12.74 16.89 -16.99
C HIS A 53 -11.74 18.02 -17.28
N PRO A 54 -12.12 19.28 -17.07
CA PRO A 54 -11.20 20.39 -17.39
C PRO A 54 -9.85 20.33 -16.70
N ASP A 55 -9.74 19.64 -15.57
CA ASP A 55 -8.45 19.51 -14.89
C ASP A 55 -7.75 18.19 -15.19
N LEU A 56 -8.34 17.32 -16.00
CA LEU A 56 -7.67 16.09 -16.40
C LEU A 56 -7.35 16.01 -17.88
N ALA A 57 -8.16 16.63 -18.74
CA ALA A 57 -8.02 16.45 -20.19
C ALA A 57 -6.60 16.71 -20.67
N GLY A 58 -5.95 17.76 -20.16
CA GLY A 58 -4.61 18.09 -20.61
C GLY A 58 -3.58 17.00 -20.35
N ASN A 59 -3.81 16.16 -19.36
CA ASN A 59 -2.89 15.08 -19.02
C ASN A 59 -3.41 13.69 -19.36
N TYR A 60 -4.61 13.58 -19.92
CA TYR A 60 -5.22 12.27 -20.11
C TYR A 60 -4.47 11.48 -21.18
N ASP A 61 -4.32 10.18 -20.92
CA ASP A 61 -3.55 9.30 -21.80
C ASP A 61 -4.41 8.08 -22.11
N PRO A 62 -4.94 7.97 -23.33
CA PRO A 62 -5.70 6.76 -23.70
C PRO A 62 -4.89 5.49 -23.56
N GLY A 63 -3.57 5.55 -23.73
CA GLY A 63 -2.73 4.37 -23.60
C GLY A 63 -2.60 3.86 -22.18
N ALA A 64 -3.05 4.64 -21.20
CA ALA A 64 -3.09 4.24 -19.80
C ALA A 64 -4.48 3.80 -19.37
N SER A 65 -5.40 3.59 -20.32
CA SER A 65 -6.81 3.47 -19.99
C SER A 65 -7.42 2.29 -20.72
N PHE A 66 -8.42 1.69 -20.08
CA PHE A 66 -9.25 0.68 -20.73
C PHE A 66 -10.51 0.53 -19.91
N ASP A 67 -11.53 -0.02 -20.55
CA ASP A 67 -12.80 -0.33 -19.90
C ASP A 67 -12.96 -1.85 -19.91
N VAL A 68 -12.61 -2.48 -18.78
CA VAL A 68 -12.74 -3.93 -18.66
C VAL A 68 -14.18 -4.36 -18.38
N ASN A 69 -15.02 -3.47 -17.87
CA ASN A 69 -16.43 -3.83 -17.65
C ASN A 69 -17.18 -4.00 -18.96
N ASP A 70 -16.95 -3.10 -19.92
CA ASP A 70 -17.61 -3.15 -21.22
C ASP A 70 -16.69 -3.70 -22.31
N GLN A 71 -15.41 -3.88 -22.04
CA GLN A 71 -14.46 -4.40 -23.02
C GLN A 71 -14.31 -3.47 -24.22
N ASP A 72 -14.00 -2.21 -23.92
CA ASP A 72 -13.70 -1.19 -24.92
C ASP A 72 -12.62 -0.27 -24.34
N PRO A 73 -12.00 0.59 -25.15
CA PRO A 73 -10.88 1.39 -24.66
C PRO A 73 -11.26 2.60 -23.82
N ASP A 74 -12.53 3.02 -23.81
CA ASP A 74 -12.93 4.30 -23.24
C ASP A 74 -13.39 4.12 -21.80
N PRO A 75 -12.67 4.66 -20.81
CA PRO A 75 -13.01 4.37 -19.40
C PRO A 75 -14.00 5.35 -18.78
N GLN A 76 -14.73 6.09 -19.60
CA GLN A 76 -15.64 7.11 -19.07
C GLN A 76 -16.64 6.48 -18.10
N PRO A 77 -16.88 7.09 -16.95
CA PRO A 77 -17.83 6.50 -15.99
C PRO A 77 -19.27 6.74 -16.38
N ARG A 78 -20.17 5.96 -15.78
CA ARG A 78 -21.59 6.18 -15.92
C ARG A 78 -22.10 7.15 -14.86
N TYR A 79 -23.03 8.01 -15.26
CA TYR A 79 -23.59 9.04 -14.40
C TYR A 79 -24.90 8.54 -13.79
N THR A 80 -25.00 8.63 -12.47
CA THR A 80 -26.19 8.22 -11.73
C THR A 80 -26.51 9.27 -10.67
N GLN A 81 -27.74 9.22 -10.17
CA GLN A 81 -28.18 10.22 -9.20
C GLN A 81 -27.29 10.22 -7.96
N MET A 82 -26.86 9.03 -7.52
CA MET A 82 -26.02 8.95 -6.33
C MET A 82 -24.55 9.22 -6.62
N ASN A 83 -24.18 9.51 -7.87
CA ASN A 83 -22.78 9.79 -8.20
C ASN A 83 -21.88 8.64 -7.79
N ASP A 84 -22.38 7.42 -8.00
CA ASP A 84 -21.67 6.22 -7.57
C ASP A 84 -20.28 6.14 -8.19
N ASN A 85 -20.14 6.57 -9.44
CA ASN A 85 -18.91 6.30 -10.19
C ASN A 85 -17.99 7.51 -10.24
N ARG A 86 -17.87 8.21 -9.11
CA ARG A 86 -17.08 9.42 -9.05
CA ARG A 86 -17.08 9.43 -9.03
C ARG A 86 -15.66 9.18 -8.56
N HIS A 87 -15.35 7.99 -8.07
CA HIS A 87 -14.13 7.82 -7.28
CA HIS A 87 -14.13 7.82 -7.28
C HIS A 87 -12.88 7.79 -8.14
N GLY A 88 -12.93 7.15 -9.32
CA GLY A 88 -11.76 7.13 -10.18
C GLY A 88 -11.35 8.53 -10.61
N THR A 89 -12.33 9.40 -10.87
CA THR A 89 -12.04 10.77 -11.25
C THR A 89 -11.37 11.53 -10.10
N ARG A 90 -11.86 11.34 -8.87
CA ARG A 90 -11.24 11.99 -7.72
C ARG A 90 -9.79 11.54 -7.57
N CYS A 91 -9.55 10.23 -7.70
CA CYS A 91 -8.19 9.72 -7.54
C CYS A 91 -7.27 10.20 -8.66
N ALA A 92 -7.79 10.26 -9.90
CA ALA A 92 -6.97 10.72 -11.02
C ALA A 92 -6.47 12.13 -10.79
N GLY A 93 -7.33 13.01 -10.28
CA GLY A 93 -6.91 14.38 -10.03
C GLY A 93 -5.88 14.50 -8.93
N GLU A 94 -5.93 13.62 -7.93
CA GLU A 94 -4.91 13.65 -6.88
C GLU A 94 -3.53 13.42 -7.47
N VAL A 95 -3.43 12.50 -8.43
CA VAL A 95 -2.17 12.18 -9.07
C VAL A 95 -1.72 13.30 -10.00
N ALA A 96 -2.63 13.76 -10.89
CA ALA A 96 -2.17 14.44 -12.08
C ALA A 96 -3.13 15.52 -12.58
N ALA A 97 -3.90 16.14 -11.70
CA ALA A 97 -4.66 17.30 -12.13
C ALA A 97 -3.73 18.36 -12.70
N VAL A 98 -4.17 19.01 -13.78
CA VAL A 98 -3.38 19.99 -14.49
C VAL A 98 -3.11 21.20 -13.60
N ALA A 99 -1.91 21.77 -13.72
CA ALA A 99 -1.50 22.92 -12.92
C ALA A 99 -1.55 24.22 -13.73
N ASN A 100 -1.78 25.33 -13.02
CA ASN A 100 -1.67 26.68 -13.57
C ASN A 100 -2.71 26.96 -14.65
N ASN A 101 -3.90 26.38 -14.52
CA ASN A 101 -4.93 26.49 -15.54
C ASN A 101 -6.23 27.07 -15.00
N GLY A 102 -6.21 27.68 -13.82
CA GLY A 102 -7.38 28.35 -13.28
C GLY A 102 -8.49 27.44 -12.83
N VAL A 103 -8.23 26.14 -12.68
CA VAL A 103 -9.27 25.15 -12.40
C VAL A 103 -8.84 24.32 -11.19
N CYS A 104 -9.73 24.22 -10.21
CA CYS A 104 -9.59 23.33 -9.02
CA CYS A 104 -9.57 23.31 -9.05
C CYS A 104 -8.18 23.49 -8.46
N GLY A 105 -7.44 22.42 -8.18
CA GLY A 105 -6.09 22.49 -7.65
C GLY A 105 -5.10 21.87 -8.60
N VAL A 106 -4.13 21.11 -8.06
CA VAL A 106 -3.11 20.46 -8.88
C VAL A 106 -2.91 19.03 -8.40
N GLY A 107 -2.41 18.18 -9.31
CA GLY A 107 -1.94 16.87 -8.91
C GLY A 107 -0.57 16.93 -8.28
N VAL A 108 -0.23 15.89 -7.51
CA VAL A 108 1.13 15.76 -7.01
C VAL A 108 2.13 15.75 -8.17
N ALA A 109 1.80 15.00 -9.21
CA ALA A 109 2.63 14.88 -10.39
C ALA A 109 1.90 15.52 -11.55
N TYR A 110 1.84 16.86 -11.53
CA TYR A 110 0.95 17.59 -12.41
C TYR A 110 1.39 17.60 -13.87
N ASN A 111 2.58 17.09 -14.18
CA ASN A 111 3.00 16.89 -15.56
C ASN A 111 3.02 15.41 -15.96
N ALA A 112 2.62 14.51 -15.09
CA ALA A 112 2.47 13.12 -15.49
C ALA A 112 1.28 12.96 -16.45
N ARG A 113 1.25 11.83 -17.14
CA ARG A 113 0.08 11.40 -17.89
C ARG A 113 -0.74 10.44 -17.04
N ILE A 114 -2.05 10.53 -17.17
CA ILE A 114 -2.99 9.86 -16.28
C ILE A 114 -4.04 9.13 -17.11
N GLY A 115 -4.32 7.90 -16.73
CA GLY A 115 -5.43 7.17 -17.30
C GLY A 115 -6.19 6.43 -16.23
N GLY A 116 -7.16 5.63 -16.66
CA GLY A 116 -7.93 4.84 -15.72
C GLY A 116 -8.41 3.55 -16.35
N VAL A 117 -8.57 2.53 -15.50
CA VAL A 117 -9.22 1.30 -15.88
C VAL A 117 -10.59 1.30 -15.24
N ARG A 118 -11.63 1.31 -16.07
CA ARG A 118 -13.00 1.14 -15.59
C ARG A 118 -13.21 -0.35 -15.36
N MET A 119 -13.19 -0.76 -14.08
CA MET A 119 -13.27 -2.16 -13.68
CA MET A 119 -13.35 -2.17 -13.75
C MET A 119 -14.23 -2.43 -12.53
N LEU A 120 -14.64 -1.42 -11.78
CA LEU A 120 -15.48 -1.64 -10.60
C LEU A 120 -16.96 -1.41 -10.87
N ASP A 121 -17.34 -0.96 -12.06
CA ASP A 121 -18.75 -0.75 -12.40
C ASP A 121 -19.30 -1.96 -13.16
N GLY A 122 -19.26 -3.09 -12.45
CA GLY A 122 -19.59 -4.37 -13.03
C GLY A 122 -19.09 -5.48 -12.12
N GLU A 123 -19.30 -6.71 -12.57
CA GLU A 123 -18.86 -7.86 -11.78
C GLU A 123 -17.32 -7.91 -11.77
N VAL A 124 -16.74 -7.99 -10.58
CA VAL A 124 -15.30 -8.08 -10.42
C VAL A 124 -14.92 -9.55 -10.28
N THR A 125 -14.29 -10.09 -11.32
CA THR A 125 -13.89 -11.49 -11.39
C THR A 125 -12.37 -11.57 -11.48
N ASP A 126 -11.85 -12.78 -11.32
CA ASP A 126 -10.41 -13.01 -11.49
C ASP A 126 -9.94 -12.53 -12.84
N ALA A 127 -10.69 -12.84 -13.91
CA ALA A 127 -10.30 -12.41 -15.25
C ALA A 127 -10.31 -10.89 -15.37
N VAL A 128 -11.31 -10.24 -14.76
CA VAL A 128 -11.38 -8.77 -14.81
C VAL A 128 -10.17 -8.16 -14.10
N GLU A 129 -9.84 -8.69 -12.92
CA GLU A 129 -8.70 -8.19 -12.16
C GLU A 129 -7.40 -8.36 -12.94
N ALA A 130 -7.20 -9.54 -13.56
CA ALA A 130 -5.97 -9.80 -14.29
C ALA A 130 -5.83 -8.89 -15.50
N ARG A 131 -6.93 -8.65 -16.22
CA ARG A 131 -6.87 -7.76 -17.38
C ARG A 131 -6.54 -6.34 -16.96
N SER A 132 -7.00 -5.93 -15.78
CA SER A 132 -6.76 -4.57 -15.30
C SER A 132 -5.33 -4.40 -14.83
N LEU A 133 -4.85 -5.32 -13.98
CA LEU A 133 -3.49 -5.26 -13.48
C LEU A 133 -2.46 -5.38 -14.60
N GLY A 134 -2.81 -6.07 -15.68
CA GLY A 134 -1.91 -6.33 -16.78
C GLY A 134 -2.05 -5.39 -17.96
N LEU A 135 -2.76 -4.27 -17.80
CA LEU A 135 -2.96 -3.37 -18.93
C LEU A 135 -1.66 -2.69 -19.34
N ASN A 136 -1.31 -2.82 -20.62
CA ASN A 136 -0.20 -2.09 -21.25
C ASN A 136 1.00 -1.89 -20.32
N PRO A 137 1.60 -3.00 -19.83
CA PRO A 137 2.63 -2.87 -18.77
C PRO A 137 3.96 -2.30 -19.24
N ASN A 138 4.17 -2.13 -20.55
CA ASN A 138 5.35 -1.41 -21.03
C ASN A 138 5.05 0.02 -21.41
N HIS A 139 3.85 0.51 -21.12
CA HIS A 139 3.49 1.92 -21.25
C HIS A 139 3.17 2.58 -19.92
N ILE A 140 2.39 1.90 -19.08
CA ILE A 140 2.03 2.39 -17.76
C ILE A 140 3.18 2.08 -16.80
N HIS A 141 3.59 3.08 -15.99
CA HIS A 141 4.62 2.86 -14.98
C HIS A 141 4.02 2.41 -13.65
N ILE A 142 2.95 3.07 -13.21
CA ILE A 142 2.41 2.98 -11.86
C ILE A 142 0.92 2.74 -11.97
N TYR A 143 0.42 1.75 -11.23
CA TYR A 143 -1.01 1.49 -11.08
C TYR A 143 -1.41 1.84 -9.65
N SER A 144 -2.56 2.50 -9.50
CA SER A 144 -3.08 2.90 -8.20
C SER A 144 -4.44 2.27 -8.00
N ALA A 145 -4.60 1.51 -6.92
CA ALA A 145 -5.84 0.81 -6.60
C ALA A 145 -6.24 1.16 -5.18
N SER A 146 -7.45 1.69 -5.01
CA SER A 146 -7.90 2.16 -3.72
C SER A 146 -8.90 1.23 -3.04
N TRP A 147 -9.14 0.06 -3.60
CA TRP A 147 -10.24 -0.80 -3.18
C TRP A 147 -9.79 -2.26 -3.32
N GLY A 148 -10.55 -3.16 -2.70
CA GLY A 148 -10.27 -4.57 -2.75
C GLY A 148 -11.35 -5.36 -2.04
N PRO A 149 -10.97 -6.36 -1.24
CA PRO A 149 -11.98 -7.17 -0.54
C PRO A 149 -12.72 -6.36 0.52
N GLU A 150 -13.88 -6.89 0.90
CA GLU A 150 -14.79 -6.17 1.79
C GLU A 150 -14.12 -5.80 3.09
N ASP A 151 -14.34 -4.57 3.55
CA ASP A 151 -13.79 -4.05 4.80
C ASP A 151 -14.78 -4.18 5.95
N ASP A 152 -15.38 -5.35 6.10
CA ASP A 152 -16.36 -5.60 7.15
C ASP A 152 -15.74 -6.15 8.43
N GLY A 153 -14.42 -6.36 8.47
CA GLY A 153 -13.81 -6.91 9.66
C GLY A 153 -14.05 -8.38 9.86
N LYS A 154 -14.56 -9.07 8.84
CA LYS A 154 -14.88 -10.48 8.92
C LYS A 154 -14.33 -11.28 7.75
N THR A 155 -13.73 -10.62 6.76
CA THR A 155 -13.40 -11.25 5.49
C THR A 155 -11.91 -11.58 5.46
N VAL A 156 -11.56 -12.76 4.94
CA VAL A 156 -10.21 -13.08 4.52
C VAL A 156 -10.26 -13.42 3.04
N ASP A 157 -9.63 -12.60 2.20
CA ASP A 157 -9.78 -12.73 0.77
C ASP A 157 -8.58 -12.11 0.09
N GLY A 158 -8.20 -12.66 -1.07
CA GLY A 158 -7.11 -12.13 -1.85
C GLY A 158 -7.22 -12.54 -3.31
N PRO A 159 -6.23 -12.18 -4.12
CA PRO A 159 -6.31 -12.47 -5.56
C PRO A 159 -6.36 -13.97 -5.83
N ALA A 160 -7.16 -14.34 -6.83
CA ALA A 160 -7.16 -15.69 -7.37
C ALA A 160 -6.03 -15.85 -8.40
N ARG A 161 -6.03 -16.97 -9.13
CA ARG A 161 -4.84 -17.41 -9.85
C ARG A 161 -4.45 -16.44 -10.95
N LEU A 162 -5.40 -16.00 -11.77
CA LEU A 162 -5.05 -15.11 -12.87
C LEU A 162 -4.54 -13.76 -12.36
N ALA A 163 -5.17 -13.22 -11.32
CA ALA A 163 -4.71 -11.94 -10.78
C ALA A 163 -3.33 -12.09 -10.14
N GLU A 164 -3.11 -13.20 -9.43
CA GLU A 164 -1.80 -13.44 -8.83
C GLU A 164 -0.73 -13.52 -9.90
N GLU A 165 -1.03 -14.19 -11.01
CA GLU A 165 -0.08 -14.30 -12.10
C GLU A 165 0.15 -12.94 -12.76
N ALA A 166 -0.89 -12.10 -12.84
CA ALA A 166 -0.70 -10.76 -13.39
C ALA A 166 0.21 -9.90 -12.52
N PHE A 167 0.05 -9.96 -11.20
CA PHE A 167 0.96 -9.25 -10.30
C PHE A 167 2.39 -9.70 -10.54
N PHE A 168 2.61 -11.02 -10.57
CA PHE A 168 3.96 -11.54 -10.71
C PHE A 168 4.55 -11.18 -12.08
N ARG A 169 3.76 -11.32 -13.14
CA ARG A 169 4.22 -10.92 -14.47
C ARG A 169 4.50 -9.43 -14.51
N GLY A 170 3.70 -8.64 -13.80
CA GLY A 170 3.93 -7.20 -13.77
C GLY A 170 5.25 -6.82 -13.13
N VAL A 171 5.54 -7.36 -11.95
CA VAL A 171 6.78 -7.00 -11.27
C VAL A 171 8.00 -7.60 -11.96
N SER A 172 7.83 -8.74 -12.62
CA SER A 172 8.96 -9.43 -13.25
CA SER A 172 8.98 -9.41 -13.23
C SER A 172 9.29 -8.88 -14.62
N GLN A 173 8.26 -8.57 -15.42
CA GLN A 173 8.43 -8.21 -16.83
C GLN A 173 7.90 -6.84 -17.19
N GLY A 174 7.02 -6.24 -16.40
CA GLY A 174 6.54 -4.92 -16.72
C GLY A 174 7.66 -3.89 -16.74
N ARG A 175 7.39 -2.77 -17.40
CA ARG A 175 8.34 -1.66 -17.44
C ARG A 175 9.72 -2.14 -17.92
N GLY A 176 9.71 -2.93 -19.00
CA GLY A 176 10.96 -3.39 -19.59
C GLY A 176 11.81 -4.23 -18.66
N GLY A 177 11.19 -4.88 -17.67
CA GLY A 177 11.89 -5.69 -16.69
C GLY A 177 12.16 -4.99 -15.37
N LEU A 178 11.89 -3.68 -15.27
CA LEU A 178 12.04 -2.98 -14.01
C LEU A 178 10.90 -3.28 -13.04
N GLY A 179 9.74 -3.69 -13.55
CA GLY A 179 8.60 -4.03 -12.71
C GLY A 179 7.54 -2.95 -12.57
N SER A 180 6.30 -3.30 -12.90
CA SER A 180 5.16 -2.44 -12.60
C SER A 180 5.17 -2.08 -11.12
N ILE A 181 4.83 -0.84 -10.81
CA ILE A 181 4.64 -0.42 -9.43
C ILE A 181 3.15 -0.39 -9.12
N PHE A 182 2.71 -1.28 -8.24
CA PHE A 182 1.32 -1.38 -7.83
C PHE A 182 1.17 -0.72 -6.47
N VAL A 183 0.49 0.42 -6.41
CA VAL A 183 0.25 1.14 -5.17
C VAL A 183 -1.14 0.79 -4.67
N TRP A 184 -1.25 0.42 -3.39
CA TRP A 184 -2.51 -0.05 -2.83
C TRP A 184 -2.91 0.70 -1.57
N ALA A 185 -4.20 0.98 -1.42
CA ALA A 185 -4.74 1.49 -0.17
C ALA A 185 -4.92 0.34 0.82
N SER A 186 -4.49 0.54 2.07
CA SER A 186 -4.50 -0.56 3.04
C SER A 186 -5.90 -0.90 3.60
N GLY A 187 -6.91 -0.05 3.41
CA GLY A 187 -8.27 -0.41 3.79
C GLY A 187 -9.00 0.69 4.54
N ASN A 188 -10.32 0.61 4.53
CA ASN A 188 -11.20 1.58 5.20
C ASN A 188 -11.99 0.95 6.35
N GLY A 189 -11.58 -0.21 6.85
CA GLY A 189 -12.40 -0.95 7.79
C GLY A 189 -12.15 -0.72 9.27
N GLY A 190 -11.56 0.42 9.62
CA GLY A 190 -11.22 0.68 11.02
C GLY A 190 -12.40 0.62 11.98
N ARG A 191 -13.56 1.14 11.58
CA ARG A 191 -14.73 1.11 12.46
C ARG A 191 -15.11 -0.32 12.83
N GLU A 192 -14.87 -1.26 11.92
CA GLU A 192 -15.19 -2.66 12.11
C GLU A 192 -14.03 -3.44 12.70
N HIS A 193 -12.98 -2.76 13.15
CA HIS A 193 -11.81 -3.43 13.71
C HIS A 193 -11.11 -4.34 12.70
N ASP A 194 -11.17 -3.97 11.43
CA ASP A 194 -10.50 -4.80 10.42
C ASP A 194 -8.98 -4.73 10.60
N SER A 195 -8.30 -5.80 10.18
CA SER A 195 -6.86 -5.98 10.31
C SER A 195 -6.38 -6.31 8.91
N CYS A 196 -5.56 -5.45 8.30
CA CYS A 196 -5.39 -5.47 6.85
CA CYS A 196 -5.45 -5.53 6.84
C CYS A 196 -4.53 -6.62 6.31
N ASN A 197 -3.87 -7.41 7.16
CA ASN A 197 -3.21 -8.59 6.60
C ASN A 197 -4.22 -9.63 6.12
N CYS A 198 -5.50 -9.47 6.46
CA CYS A 198 -6.57 -10.33 5.94
C CYS A 198 -7.00 -9.96 4.53
N ASP A 199 -6.34 -8.97 3.92
CA ASP A 199 -6.63 -8.50 2.56
C ASP A 199 -5.39 -8.86 1.75
N GLY A 200 -5.52 -9.86 0.87
CA GLY A 200 -4.36 -10.39 0.14
C GLY A 200 -3.83 -9.48 -0.95
N TYR A 201 -4.54 -8.40 -1.27
CA TYR A 201 -4.00 -7.41 -2.20
C TYR A 201 -3.02 -6.50 -1.48
N THR A 202 -3.47 -5.87 -0.40
CA THR A 202 -2.55 -5.00 0.34
C THR A 202 -1.45 -5.80 1.03
N ASN A 203 -1.74 -7.05 1.42
CA ASN A 203 -0.78 -7.91 2.10
C ASN A 203 0.28 -8.51 1.17
N SER A 204 0.17 -8.31 -0.14
CA SER A 204 1.14 -8.84 -1.10
C SER A 204 2.48 -8.11 -1.02
N ILE A 205 3.58 -8.84 -1.26
CA ILE A 205 4.87 -8.16 -1.44
C ILE A 205 4.91 -7.32 -2.70
N TYR A 206 4.03 -7.63 -3.67
CA TYR A 206 4.07 -6.98 -4.97
C TYR A 206 3.41 -5.61 -4.96
N THR A 207 2.66 -5.29 -3.91
CA THR A 207 1.99 -4.01 -3.80
C THR A 207 2.70 -3.15 -2.75
N LEU A 208 2.72 -1.85 -3.01
CA LEU A 208 3.32 -0.87 -2.12
C LEU A 208 2.16 -0.23 -1.38
N SER A 209 1.95 -0.63 -0.12
CA SER A 209 0.70 -0.35 0.58
CA SER A 209 0.70 -0.38 0.60
C SER A 209 0.80 0.88 1.46
N ILE A 210 -0.28 1.67 1.45
CA ILE A 210 -0.31 3.01 2.02
C ILE A 210 -1.51 3.16 2.94
N SER A 211 -1.27 3.74 4.12
CA SER A 211 -2.31 4.10 5.09
C SER A 211 -2.43 5.63 5.19
N SER A 212 -3.28 6.09 6.12
CA SER A 212 -3.65 7.49 6.23
C SER A 212 -3.31 8.11 7.58
N ALA A 213 -3.09 9.42 7.57
CA ALA A 213 -3.01 10.23 8.77
C ALA A 213 -3.95 11.42 8.64
N THR A 214 -4.56 11.83 9.74
CA THR A 214 -5.40 13.02 9.72
C THR A 214 -4.55 14.29 9.74
N GLN A 215 -5.20 15.42 9.49
CA GLN A 215 -4.48 16.69 9.44
C GLN A 215 -3.73 16.98 10.73
N PHE A 216 -4.32 16.65 11.87
CA PHE A 216 -3.67 16.89 13.16
C PHE A 216 -2.67 15.79 13.51
N GLY A 217 -2.43 14.86 12.59
CA GLY A 217 -1.40 13.86 12.80
C GLY A 217 -1.86 12.62 13.54
N ASN A 218 -3.14 12.28 13.48
CA ASN A 218 -3.67 11.14 14.22
C ASN A 218 -4.09 10.02 13.27
N VAL A 219 -4.33 8.85 13.87
CA VAL A 219 -4.82 7.67 13.15
C VAL A 219 -6.32 7.83 12.92
N PRO A 220 -6.78 7.94 11.67
CA PRO A 220 -8.22 8.20 11.44
C PRO A 220 -9.10 7.03 11.85
N TRP A 221 -10.38 7.34 12.06
CA TRP A 221 -11.35 6.33 12.48
C TRP A 221 -11.37 5.12 11.54
N TYR A 222 -11.19 5.34 10.24
CA TYR A 222 -11.34 4.29 9.24
C TYR A 222 -10.07 3.45 9.02
N SER A 223 -8.96 3.79 9.66
CA SER A 223 -7.67 3.14 9.38
C SER A 223 -7.66 1.68 9.83
N GLU A 224 -6.99 0.84 9.06
CA GLU A 224 -6.67 -0.52 9.46
C GLU A 224 -5.19 -0.63 9.73
N ALA A 225 -4.83 -1.23 10.87
CA ALA A 225 -3.43 -1.49 11.19
C ALA A 225 -3.04 -2.87 10.68
N CYS A 226 -1.79 -2.98 10.21
CA CYS A 226 -1.22 -4.28 9.87
CA CYS A 226 -1.26 -4.25 9.73
C CYS A 226 0.25 -4.12 9.53
N SER A 227 0.97 -5.23 9.64
CA SER A 227 2.42 -5.24 9.41
C SER A 227 2.80 -5.13 7.94
N SER A 228 1.85 -5.31 7.01
CA SER A 228 2.17 -5.28 5.60
C SER A 228 2.27 -3.86 5.03
N THR A 229 1.73 -2.87 5.74
CA THR A 229 1.78 -1.49 5.26
C THR A 229 3.21 -0.97 5.24
N LEU A 230 3.52 -0.14 4.23
CA LEU A 230 4.84 0.47 4.11
C LEU A 230 4.92 1.93 4.55
N ALA A 231 3.90 2.75 4.27
CA ALA A 231 4.00 4.18 4.52
C ALA A 231 2.61 4.80 4.52
N THR A 232 2.57 6.12 4.67
CA THR A 232 1.35 6.87 4.95
C THR A 232 1.30 8.14 4.13
N THR A 233 0.10 8.55 3.72
CA THR A 233 -0.12 9.92 3.27
C THR A 233 -1.33 10.50 3.99
N TYR A 234 -1.42 11.83 4.01
CA TYR A 234 -2.55 12.49 4.66
C TYR A 234 -3.85 12.16 3.97
N SER A 235 -4.92 12.11 4.76
CA SER A 235 -6.29 12.07 4.25
C SER A 235 -7.21 12.73 5.29
N SER A 236 -8.49 12.36 5.28
CA SER A 236 -9.52 12.99 6.11
C SER A 236 -9.49 12.46 7.54
N GLY A 237 -10.21 13.18 8.41
CA GLY A 237 -10.32 12.82 9.81
C GLY A 237 -11.67 13.27 10.37
N ASN A 238 -11.64 14.07 11.44
CA ASN A 238 -12.84 14.55 12.10
C ASN A 238 -13.32 15.84 11.43
N GLN A 239 -14.39 16.44 11.97
CA GLN A 239 -15.00 17.56 11.27
C GLN A 239 -14.26 18.87 11.47
N ASN A 240 -13.23 18.90 12.31
CA ASN A 240 -12.35 20.06 12.43
CA ASN A 240 -12.37 20.07 12.40
C ASN A 240 -11.12 19.96 11.53
N GLU A 241 -10.91 18.81 10.91
CA GLU A 241 -9.73 18.55 10.08
C GLU A 241 -10.13 18.64 8.62
N LYS A 242 -9.22 19.15 7.79
CA LYS A 242 -9.53 19.28 6.36
C LYS A 242 -9.44 17.93 5.67
N GLN A 243 -9.93 17.88 4.43
CA GLN A 243 -10.00 16.66 3.65
C GLN A 243 -9.22 16.84 2.34
N ILE A 244 -9.39 15.91 1.41
CA ILE A 244 -8.64 15.94 0.16
C ILE A 244 -9.43 16.72 -0.89
N VAL A 245 -8.73 17.58 -1.63
CA VAL A 245 -9.33 18.51 -2.58
C VAL A 245 -8.90 18.08 -3.97
N THR A 246 -9.86 17.78 -4.85
CA THR A 246 -9.50 17.16 -6.12
C THR A 246 -10.65 17.33 -7.12
N THR A 247 -10.40 16.83 -8.33
CA THR A 247 -11.40 16.78 -9.39
C THR A 247 -12.54 15.85 -9.01
N ASP A 248 -13.76 16.22 -9.39
CA ASP A 248 -14.93 15.40 -9.12
C ASP A 248 -15.73 15.17 -10.40
N LEU A 249 -16.54 14.12 -10.37
CA LEU A 249 -17.46 13.80 -11.45
C LEU A 249 -18.32 15.01 -11.81
N ARG A 250 -18.69 15.09 -13.09
CA ARG A 250 -19.50 16.19 -13.61
C ARG A 250 -18.71 17.49 -13.73
N GLN A 251 -17.40 17.37 -13.97
CA GLN A 251 -16.54 18.54 -14.24
C GLN A 251 -16.47 19.49 -13.04
N LYS A 252 -16.54 18.96 -11.83
CA LYS A 252 -16.59 19.75 -10.59
C LYS A 252 -15.29 19.60 -9.80
N CYS A 253 -15.22 20.34 -8.70
CA CYS A 253 -14.13 20.25 -7.75
CA CYS A 253 -14.13 20.23 -7.74
C CYS A 253 -14.73 19.87 -6.39
N THR A 254 -14.13 18.90 -5.71
CA THR A 254 -14.56 18.54 -4.37
C THR A 254 -13.50 18.92 -3.35
N GLU A 255 -13.93 19.31 -2.16
CA GLU A 255 -13.06 19.44 -1.01
C GLU A 255 -13.33 18.37 0.05
N SER A 256 -14.04 17.32 -0.32
CA SER A 256 -14.51 16.33 0.66
CA SER A 256 -14.52 16.34 0.65
C SER A 256 -14.21 14.90 0.23
N HIS A 257 -13.03 14.68 -0.37
CA HIS A 257 -12.56 13.33 -0.69
C HIS A 257 -11.91 12.74 0.56
N THR A 258 -12.21 11.49 0.88
CA THR A 258 -11.96 10.95 2.23
C THR A 258 -11.38 9.55 2.15
N GLY A 259 -10.88 9.07 3.30
CA GLY A 259 -10.58 7.67 3.48
C GLY A 259 -9.18 7.29 3.03
N THR A 260 -8.80 6.04 3.34
CA THR A 260 -7.52 5.52 2.87
C THR A 260 -7.50 5.44 1.35
N SER A 261 -8.68 5.27 0.75
CA SER A 261 -8.82 5.30 -0.70
CA SER A 261 -8.82 5.30 -0.70
C SER A 261 -8.35 6.61 -1.31
N ALA A 262 -8.28 7.70 -0.53
CA ALA A 262 -7.70 8.94 -1.01
C ALA A 262 -6.19 9.01 -0.77
N SER A 263 -5.63 8.14 0.07
CA SER A 263 -4.20 8.21 0.34
C SER A 263 -3.36 7.52 -0.74
N ALA A 264 -3.83 6.38 -1.27
CA ALA A 264 -3.06 5.69 -2.29
C ALA A 264 -2.74 6.56 -3.49
N PRO A 265 -3.66 7.35 -4.05
CA PRO A 265 -3.30 8.18 -5.21
C PRO A 265 -2.24 9.22 -4.91
N LEU A 266 -2.25 9.82 -3.71
CA LEU A 266 -1.20 10.78 -3.39
C LEU A 266 0.16 10.09 -3.38
N ALA A 267 0.22 8.87 -2.83
CA ALA A 267 1.45 8.08 -2.91
C ALA A 267 1.85 7.78 -4.35
N ALA A 268 0.88 7.39 -5.19
CA ALA A 268 1.20 7.14 -6.58
C ALA A 268 1.82 8.36 -7.23
N GLY A 269 1.31 9.55 -6.90
CA GLY A 269 1.89 10.77 -7.45
C GLY A 269 3.32 11.01 -6.97
N ILE A 270 3.57 10.77 -5.68
CA ILE A 270 4.93 10.93 -5.17
C ILE A 270 5.88 9.94 -5.84
N ILE A 271 5.41 8.71 -6.06
CA ILE A 271 6.21 7.73 -6.74
C ILE A 271 6.49 8.14 -8.18
N ALA A 272 5.55 8.84 -8.83
CA ALA A 272 5.80 9.34 -10.17
C ALA A 272 6.91 10.40 -10.18
N LEU A 273 6.92 11.30 -9.20
CA LEU A 273 8.02 12.26 -9.10
C LEU A 273 9.35 11.54 -8.93
N THR A 274 9.35 10.49 -8.11
CA THR A 274 10.55 9.72 -7.84
C THR A 274 11.05 8.99 -9.09
N LEU A 275 10.14 8.41 -9.87
CA LEU A 275 10.56 7.75 -11.11
C LEU A 275 11.12 8.76 -12.11
N GLU A 276 10.55 9.96 -12.18
CA GLU A 276 11.14 10.97 -13.05
C GLU A 276 12.57 11.26 -12.62
N ALA A 277 12.83 11.28 -11.31
CA ALA A 277 14.17 11.54 -10.80
C ALA A 277 15.14 10.41 -11.11
N ASN A 278 14.66 9.17 -11.19
CA ASN A 278 15.53 8.04 -11.53
C ASN A 278 14.65 6.99 -12.20
N LYS A 279 14.61 7.03 -13.54
CA LYS A 279 13.72 6.15 -14.28
C LYS A 279 14.18 4.70 -14.26
N ASP A 280 15.36 4.43 -13.72
CA ASP A 280 15.87 3.06 -13.65
C ASP A 280 15.50 2.32 -12.37
N LEU A 281 14.74 2.94 -11.46
CA LEU A 281 14.37 2.28 -10.21
C LEU A 281 13.45 1.09 -10.50
N THR A 282 13.77 -0.06 -9.90
CA THR A 282 12.87 -1.21 -10.02
C THR A 282 11.74 -1.13 -8.99
N TRP A 283 10.79 -2.07 -9.12
CA TRP A 283 9.69 -2.15 -8.15
C TRP A 283 10.21 -2.35 -6.72
N ARG A 284 11.31 -3.09 -6.56
CA ARG A 284 11.92 -3.27 -5.25
C ARG A 284 12.69 -2.04 -4.81
N ASP A 285 13.46 -1.42 -5.71
CA ASP A 285 14.13 -0.17 -5.37
C ASP A 285 13.13 0.81 -4.78
N MET A 286 11.96 0.94 -5.40
CA MET A 286 10.98 1.93 -4.94
C MET A 286 10.55 1.64 -3.50
N GLN A 287 10.36 0.37 -3.15
CA GLN A 287 10.00 0.05 -1.77
C GLN A 287 11.15 0.38 -0.82
N HIS A 288 12.39 0.09 -1.22
CA HIS A 288 13.54 0.52 -0.41
C HIS A 288 13.53 2.02 -0.16
N LEU A 289 13.27 2.81 -1.20
CA LEU A 289 13.29 4.26 -1.03
C LEU A 289 12.24 4.70 -0.01
N VAL A 290 11.04 4.12 -0.09
CA VAL A 290 9.98 4.46 0.84
C VAL A 290 10.38 4.11 2.27
N VAL A 291 10.97 2.94 2.47
CA VAL A 291 11.42 2.55 3.81
C VAL A 291 12.42 3.56 4.36
N GLN A 292 13.40 3.95 3.53
CA GLN A 292 14.50 4.78 4.03
C GLN A 292 14.10 6.22 4.28
N THR A 293 13.13 6.75 3.52
CA THR A 293 12.88 8.19 3.52
C THR A 293 11.62 8.62 4.26
N SER A 294 10.73 7.69 4.60
CA SER A 294 9.46 8.10 5.19
C SER A 294 9.66 8.56 6.63
N LYS A 295 8.78 9.45 7.08
CA LYS A 295 9.03 10.25 8.28
C LYS A 295 8.01 9.99 9.37
N PRO A 296 8.39 9.38 10.49
CA PRO A 296 7.46 9.27 11.64
C PRO A 296 7.14 10.60 12.31
N ALA A 297 8.00 11.60 12.20
CA ALA A 297 7.84 12.84 12.96
C ALA A 297 6.43 13.42 12.81
N HIS A 298 5.81 13.74 13.94
CA HIS A 298 4.52 14.40 14.00
C HIS A 298 3.36 13.50 13.60
N LEU A 299 3.57 12.18 13.57
CA LEU A 299 2.49 11.22 13.46
C LEU A 299 2.32 10.55 14.81
N ASN A 300 1.13 10.67 15.39
CA ASN A 300 0.86 10.14 16.71
C ASN A 300 0.32 8.72 16.60
N ALA A 301 0.98 7.79 17.29
CA ALA A 301 0.47 6.44 17.42
C ALA A 301 0.95 5.88 18.75
N ASN A 302 0.26 4.86 19.23
CA ASN A 302 0.62 4.20 20.47
CA ASN A 302 0.62 4.20 20.48
C ASN A 302 1.52 3.00 20.29
N ASP A 303 1.91 2.69 19.04
CA ASP A 303 2.63 1.45 18.77
C ASP A 303 3.95 1.69 18.03
N TRP A 304 4.47 2.91 18.00
CA TRP A 304 5.78 3.11 17.40
C TRP A 304 6.82 2.25 18.11
N ALA A 305 7.64 1.54 17.34
CA ALA A 305 8.70 0.72 17.88
C ALA A 305 9.89 0.78 16.94
N THR A 306 11.09 0.70 17.50
CA THR A 306 12.30 0.75 16.68
C THR A 306 12.77 -0.66 16.36
N ASN A 307 12.98 -0.92 15.08
CA ASN A 307 13.32 -2.26 14.62
C ASN A 307 14.83 -2.52 14.74
N GLY A 308 15.29 -3.64 14.18
CA GLY A 308 16.65 -4.08 14.40
C GLY A 308 17.70 -3.23 13.74
N VAL A 309 17.32 -2.42 12.75
CA VAL A 309 18.24 -1.54 12.06
C VAL A 309 18.06 -0.08 12.46
N GLY A 310 17.27 0.19 13.51
CA GLY A 310 17.16 1.53 14.04
C GLY A 310 16.08 2.40 13.43
N ARG A 311 15.16 1.82 12.66
CA ARG A 311 14.08 2.60 12.07
C ARG A 311 12.81 2.44 12.88
N LYS A 312 12.09 3.56 13.04
CA LYS A 312 10.81 3.55 13.75
C LYS A 312 9.71 3.08 12.81
N VAL A 313 8.85 2.19 13.32
CA VAL A 313 7.79 1.62 12.50
CA VAL A 313 7.81 1.56 12.51
C VAL A 313 6.55 1.45 13.34
N SER A 314 5.39 1.62 12.69
CA SER A 314 4.08 1.50 13.30
C SER A 314 3.19 0.63 12.42
N HIS A 315 2.26 -0.10 13.03
CA HIS A 315 1.30 -0.86 12.25
C HIS A 315 0.22 0.03 11.61
N SER A 316 0.02 1.24 12.14
CA SER A 316 -0.92 2.16 11.51
C SER A 316 -0.29 2.94 10.37
N TYR A 317 1.03 3.17 10.43
CA TYR A 317 1.67 4.12 9.54
C TYR A 317 2.81 3.52 8.72
N GLY A 318 3.18 2.27 8.97
CA GLY A 318 4.41 1.77 8.39
C GLY A 318 5.59 2.59 8.87
N TYR A 319 6.43 2.99 7.91
CA TYR A 319 7.62 3.78 8.21
C TYR A 319 7.35 5.27 8.34
N GLY A 320 6.10 5.69 8.18
CA GLY A 320 5.75 7.08 8.41
C GLY A 320 5.24 7.77 7.17
N LEU A 321 5.21 9.10 7.24
CA LEU A 321 4.69 9.89 6.14
C LEU A 321 5.65 9.90 4.96
N LEU A 322 5.10 9.73 3.75
CA LEU A 322 5.93 9.91 2.57
C LEU A 322 6.48 11.33 2.51
N ASP A 323 7.71 11.45 2.01
CA ASP A 323 8.43 12.72 1.95
C ASP A 323 8.96 12.85 0.52
N ALA A 324 8.27 13.63 -0.32
CA ALA A 324 8.59 13.66 -1.74
C ALA A 324 9.98 14.22 -1.99
N GLY A 325 10.35 15.29 -1.29
CA GLY A 325 11.69 15.83 -1.46
C GLY A 325 12.77 14.83 -1.13
N ALA A 326 12.58 14.07 -0.05
CA ALA A 326 13.57 13.07 0.34
C ALA A 326 13.58 11.89 -0.63
N MET A 327 12.42 11.49 -1.13
CA MET A 327 12.37 10.40 -2.12
C MET A 327 13.18 10.76 -3.36
N VAL A 328 12.95 11.96 -3.90
CA VAL A 328 13.64 12.36 -5.12
C VAL A 328 15.14 12.50 -4.87
N ALA A 329 15.53 13.02 -3.70
CA ALA A 329 16.95 13.16 -3.39
C ALA A 329 17.65 11.81 -3.33
N LEU A 330 17.05 10.84 -2.62
CA LEU A 330 17.67 9.53 -2.51
C LEU A 330 17.67 8.80 -3.84
N ALA A 331 16.61 8.98 -4.63
CA ALA A 331 16.54 8.34 -5.94
C ALA A 331 17.75 8.70 -6.81
N GLN A 332 18.21 9.95 -6.71
CA GLN A 332 19.32 10.41 -7.53
C GLN A 332 20.65 9.79 -7.11
N ASP A 333 20.74 9.21 -5.92
CA ASP A 333 21.97 8.62 -5.43
C ASP A 333 21.90 7.10 -5.29
N TRP A 334 20.82 6.48 -5.73
CA TRP A 334 20.53 5.09 -5.41
C TRP A 334 21.22 4.15 -6.39
N THR A 335 21.81 3.08 -5.84
CA THR A 335 22.32 1.96 -6.64
C THR A 335 21.28 0.86 -6.62
N THR A 336 20.86 0.41 -7.81
CA THR A 336 19.80 -0.58 -7.91
C THR A 336 20.18 -1.85 -7.15
N VAL A 337 19.19 -2.50 -6.56
CA VAL A 337 19.46 -3.59 -5.63
C VAL A 337 19.82 -4.88 -6.37
N ALA A 338 20.46 -5.79 -5.63
CA ALA A 338 20.86 -7.10 -6.15
C ALA A 338 19.62 -7.97 -6.39
N PRO A 339 19.78 -9.11 -7.05
CA PRO A 339 18.61 -9.94 -7.39
C PRO A 339 17.88 -10.43 -6.15
N GLN A 340 16.56 -10.55 -6.28
CA GLN A 340 15.75 -10.99 -5.16
C GLN A 340 15.96 -12.47 -4.91
N ARG A 341 16.23 -12.82 -3.66
CA ARG A 341 16.31 -14.20 -3.20
C ARG A 341 15.07 -14.52 -2.37
N LYS A 342 14.71 -15.80 -2.34
CA LYS A 342 13.56 -16.28 -1.59
C LYS A 342 13.96 -17.55 -0.88
N CYS A 343 13.88 -17.55 0.44
CA CYS A 343 14.27 -18.67 1.28
C CYS A 343 13.03 -19.18 2.00
N ILE A 344 12.66 -20.43 1.74
CA ILE A 344 11.46 -21.05 2.28
C ILE A 344 11.88 -22.02 3.38
N ILE A 345 11.31 -21.85 4.58
CA ILE A 345 11.68 -22.66 5.74
C ILE A 345 10.42 -23.28 6.32
N ASP A 346 10.33 -24.61 6.27
CA ASP A 346 9.25 -25.32 6.95
C ASP A 346 9.58 -25.38 8.43
N ILE A 347 8.71 -24.83 9.26
CA ILE A 347 9.00 -24.69 10.69
C ILE A 347 8.52 -25.89 11.51
N LEU A 348 7.30 -26.37 11.29
CA LEU A 348 6.74 -27.38 12.19
C LEU A 348 7.23 -28.79 11.86
N THR A 349 7.46 -29.58 12.92
CA THR A 349 7.69 -31.02 12.79
C THR A 349 6.44 -31.85 13.08
N GLU A 350 5.36 -31.22 13.54
CA GLU A 350 4.13 -31.88 13.96
C GLU A 350 3.11 -30.78 14.21
N PRO A 351 1.81 -31.05 14.09
CA PRO A 351 0.81 -30.04 14.42
C PRO A 351 0.89 -29.66 15.90
N LYS A 352 0.43 -28.45 16.21
CA LYS A 352 0.52 -27.91 17.56
C LYS A 352 -0.86 -27.44 18.00
N ASP A 353 -1.28 -27.88 19.19
CA ASP A 353 -2.50 -27.37 19.79
C ASP A 353 -2.35 -25.89 20.09
N ILE A 354 -3.38 -25.10 19.77
CA ILE A 354 -3.35 -23.66 20.02
C ILE A 354 -3.90 -23.36 21.41
N GLY A 355 -5.12 -23.79 21.67
CA GLY A 355 -5.72 -23.57 22.99
C GLY A 355 -5.77 -22.10 23.32
N LYS A 356 -5.37 -21.76 24.55
CA LYS A 356 -5.36 -20.37 24.99
C LYS A 356 -4.18 -19.60 24.39
N ARG A 357 -3.04 -20.26 24.19
CA ARG A 357 -1.85 -19.59 23.70
CA ARG A 357 -1.87 -19.59 23.64
C ARG A 357 -0.86 -20.64 23.23
N LEU A 358 -0.12 -20.33 22.16
CA LEU A 358 0.93 -21.17 21.61
C LEU A 358 2.11 -20.29 21.23
N GLU A 359 3.31 -20.74 21.57
CA GLU A 359 4.54 -20.12 21.11
C GLU A 359 5.35 -21.18 20.37
N VAL A 360 5.83 -20.83 19.17
CA VAL A 360 6.71 -21.69 18.37
C VAL A 360 8.01 -20.93 18.14
N ARG A 361 9.12 -21.52 18.58
CA ARG A 361 10.45 -20.93 18.42
C ARG A 361 11.26 -21.81 17.48
N LYS A 362 12.01 -21.19 16.58
CA LYS A 362 12.86 -21.95 15.66
C LYS A 362 14.06 -21.10 15.29
N THR A 363 15.25 -21.69 15.42
CA THR A 363 16.47 -21.05 14.98
C THR A 363 16.71 -21.42 13.53
N VAL A 364 16.87 -20.42 12.67
CA VAL A 364 17.02 -20.64 11.24
C VAL A 364 18.36 -20.09 10.78
N THR A 365 18.85 -20.63 9.66
CA THR A 365 20.07 -20.16 9.02
C THR A 365 19.81 -19.30 7.80
N ALA A 366 18.55 -19.11 7.41
CA ALA A 366 18.20 -18.30 6.25
C ALA A 366 18.95 -18.76 5.00
N CYS A 367 18.98 -20.08 4.81
CA CYS A 367 19.54 -20.68 3.60
C CYS A 367 21.06 -20.49 3.49
N LEU A 368 21.75 -20.40 4.62
CA LEU A 368 23.21 -20.35 4.63
C LEU A 368 23.81 -21.45 3.78
N GLY A 369 24.80 -21.09 2.96
CA GLY A 369 25.49 -22.03 2.09
C GLY A 369 24.87 -22.20 0.72
N GLU A 370 23.67 -21.67 0.50
CA GLU A 370 22.89 -21.89 -0.70
C GLU A 370 22.73 -20.62 -1.52
N PRO A 371 22.34 -20.75 -2.80
CA PRO A 371 22.20 -19.56 -3.65
C PRO A 371 21.10 -18.62 -3.23
N ASN A 372 20.22 -19.01 -2.29
CA ASN A 372 19.19 -18.11 -1.80
C ASN A 372 19.44 -17.67 -0.36
N HIS A 373 20.69 -17.77 0.10
CA HIS A 373 21.06 -17.24 1.41
C HIS A 373 20.73 -15.75 1.49
N ILE A 374 20.03 -15.36 2.55
CA ILE A 374 19.63 -13.97 2.74
C ILE A 374 20.30 -13.43 3.99
N THR A 375 21.05 -12.33 3.83
CA THR A 375 21.62 -11.59 4.95
C THR A 375 20.97 -10.23 5.14
N ARG A 376 20.25 -9.74 4.13
CA ARG A 376 19.60 -8.43 4.15
C ARG A 376 18.14 -8.66 3.79
N LEU A 377 17.28 -8.66 4.80
CA LEU A 377 15.88 -9.00 4.60
C LEU A 377 15.14 -7.86 3.91
N GLU A 378 14.15 -8.21 3.08
CA GLU A 378 13.12 -7.28 2.64
C GLU A 378 11.81 -7.65 3.32
N HIS A 379 10.88 -8.27 2.58
CA HIS A 379 9.65 -8.77 3.16
C HIS A 379 9.91 -10.11 3.88
N ALA A 380 9.04 -10.41 4.85
CA ALA A 380 8.95 -11.76 5.40
C ALA A 380 7.49 -12.16 5.48
N GLN A 381 7.19 -13.43 5.23
CA GLN A 381 5.85 -13.97 5.37
C GLN A 381 5.88 -15.13 6.36
N ALA A 382 4.82 -15.25 7.14
CA ALA A 382 4.52 -16.49 7.85
C ALA A 382 3.26 -17.06 7.21
N ARG A 383 3.41 -18.16 6.47
CA ARG A 383 2.26 -18.83 5.85
C ARG A 383 1.71 -19.83 6.85
N LEU A 384 0.51 -19.56 7.35
CA LEU A 384 -0.06 -20.35 8.43
C LEU A 384 -1.30 -21.11 7.94
N THR A 385 -1.38 -22.37 8.34
CA THR A 385 -2.60 -23.16 8.19
C THR A 385 -3.02 -23.56 9.60
N LEU A 386 -4.23 -23.17 9.99
CA LEU A 386 -4.71 -23.44 11.33
C LEU A 386 -6.23 -23.55 11.32
N SER A 387 -6.75 -24.36 12.22
CA SER A 387 -8.16 -24.38 12.56
C SER A 387 -8.37 -23.63 13.87
N TYR A 388 -9.53 -23.00 13.98
CA TYR A 388 -9.92 -22.37 15.24
C TYR A 388 -11.44 -22.19 15.23
N ASN A 389 -12.05 -22.24 16.42
CA ASN A 389 -13.51 -22.16 16.47
C ASN A 389 -14.04 -20.75 16.24
N ARG A 390 -13.31 -19.70 16.64
CA ARG A 390 -13.75 -18.32 16.44
C ARG A 390 -12.55 -17.49 16.01
N ARG A 391 -12.45 -17.23 14.70
CA ARG A 391 -11.19 -16.74 14.13
C ARG A 391 -10.81 -15.38 14.70
N GLY A 392 -11.79 -14.49 14.86
CA GLY A 392 -11.54 -13.13 15.30
C GLY A 392 -11.02 -13.00 16.72
N ASP A 393 -11.05 -14.08 17.52
CA ASP A 393 -10.47 -13.99 18.84
C ASP A 393 -8.94 -14.14 18.84
N LEU A 394 -8.35 -14.55 17.72
CA LEU A 394 -6.91 -14.76 17.65
C LEU A 394 -6.17 -13.46 17.41
N ALA A 395 -5.04 -13.31 18.09
CA ALA A 395 -3.98 -12.37 17.74
C ALA A 395 -2.70 -13.17 17.52
N ILE A 396 -1.93 -12.78 16.51
CA ILE A 396 -0.76 -13.51 16.07
C ILE A 396 0.40 -12.53 15.92
N HIS A 397 1.55 -12.86 16.52
CA HIS A 397 2.75 -12.03 16.44
C HIS A 397 3.92 -12.86 15.95
N LEU A 398 4.87 -12.20 15.29
CA LEU A 398 6.09 -12.82 14.81
C LEU A 398 7.26 -11.94 15.26
N VAL A 399 8.23 -12.54 15.94
CA VAL A 399 9.39 -11.81 16.45
C VAL A 399 10.63 -12.26 15.69
N SER A 400 11.40 -11.30 15.16
CA SER A 400 12.62 -11.61 14.42
C SER A 400 13.77 -11.85 15.38
N PRO A 401 14.86 -12.46 14.89
CA PRO A 401 16.03 -12.66 15.75
C PRO A 401 16.56 -11.39 16.39
N MET A 402 16.55 -10.27 15.66
CA MET A 402 16.99 -9.01 16.21
C MET A 402 16.02 -8.41 17.20
N GLY A 403 14.84 -9.01 17.37
CA GLY A 403 13.92 -8.61 18.41
C GLY A 403 12.68 -7.84 17.98
N THR A 404 12.44 -7.70 16.68
CA THR A 404 11.33 -6.86 16.21
C THR A 404 10.03 -7.65 16.24
N ARG A 405 9.05 -7.13 16.97
CA ARG A 405 7.75 -7.78 17.08
C ARG A 405 6.81 -7.22 16.03
N SER A 406 6.39 -8.06 15.10
CA SER A 406 5.38 -7.71 14.11
C SER A 406 4.06 -8.34 14.51
N THR A 407 3.00 -7.55 14.50
CA THR A 407 1.66 -8.10 14.67
C THR A 407 1.20 -8.58 13.31
N LEU A 408 1.03 -9.89 13.17
CA LEU A 408 0.53 -10.43 11.92
C LEU A 408 -1.00 -10.37 11.85
N LEU A 409 -1.66 -10.41 13.01
CA LEU A 409 -3.12 -10.41 13.06
C LEU A 409 -3.51 -9.88 14.43
N ALA A 410 -4.34 -8.84 14.45
CA ALA A 410 -4.97 -8.38 15.67
C ALA A 410 -6.35 -9.00 15.80
N ALA A 411 -6.88 -9.01 17.03
CA ALA A 411 -8.25 -9.48 17.23
C ALA A 411 -9.22 -8.72 16.34
N ARG A 412 -10.15 -9.44 15.73
CA ARG A 412 -11.21 -8.87 14.90
C ARG A 412 -12.53 -9.32 15.52
N PRO A 413 -13.10 -8.51 16.42
CA PRO A 413 -14.25 -8.99 17.22
C PRO A 413 -15.45 -9.39 16.40
N HIS A 414 -15.62 -8.86 15.20
CA HIS A 414 -16.76 -9.22 14.36
C HIS A 414 -16.56 -10.50 13.56
N ASP A 415 -15.36 -11.05 13.55
CA ASP A 415 -15.05 -12.24 12.73
C ASP A 415 -15.37 -13.49 13.55
N TYR A 416 -16.55 -14.06 13.32
CA TYR A 416 -16.94 -15.30 14.01
C TYR A 416 -16.72 -16.54 13.15
N SER A 417 -15.93 -16.44 12.08
CA SER A 417 -15.73 -17.57 11.19
C SER A 417 -15.11 -18.75 11.94
N ALA A 418 -15.57 -19.95 11.60
CA ALA A 418 -14.97 -21.19 12.05
C ALA A 418 -14.04 -21.80 11.01
N ASP A 419 -13.65 -21.05 9.98
CA ASP A 419 -12.90 -21.62 8.86
C ASP A 419 -11.40 -21.46 8.98
N GLY A 420 -10.90 -20.75 10.00
CA GLY A 420 -9.46 -20.69 10.21
C GLY A 420 -8.74 -20.03 9.06
N PHE A 421 -7.48 -20.42 8.87
CA PHE A 421 -6.64 -19.91 7.80
C PHE A 421 -6.06 -21.08 7.03
N ASN A 422 -6.12 -21.01 5.70
CA ASN A 422 -5.63 -22.07 4.82
C ASN A 422 -4.42 -21.55 4.06
N ASP A 423 -3.23 -21.87 4.56
CA ASP A 423 -1.97 -21.46 3.93
C ASP A 423 -1.97 -19.96 3.59
N TRP A 424 -2.33 -19.14 4.59
CA TRP A 424 -2.45 -17.70 4.41
C TRP A 424 -1.12 -17.03 4.75
N ALA A 425 -0.61 -16.22 3.83
CA ALA A 425 0.76 -15.68 3.91
C ALA A 425 0.81 -14.29 4.56
N PHE A 426 0.65 -14.26 5.88
CA PHE A 426 0.74 -12.99 6.61
C PHE A 426 2.11 -12.35 6.37
N MET A 427 2.15 -11.07 6.02
CA MET A 427 3.38 -10.44 5.58
C MET A 427 3.75 -9.28 6.50
N THR A 428 5.05 -9.14 6.79
CA THR A 428 5.57 -7.99 7.52
C THR A 428 6.69 -7.28 6.76
N THR A 429 6.63 -5.95 6.77
CA THR A 429 7.69 -5.08 6.30
C THR A 429 8.56 -4.55 7.43
N HIS A 430 8.26 -4.90 8.68
CA HIS A 430 8.86 -4.23 9.83
C HIS A 430 10.29 -4.66 10.12
N SER A 431 10.77 -5.73 9.49
CA SER A 431 12.13 -6.20 9.67
C SER A 431 13.00 -5.95 8.43
N TRP A 432 12.57 -5.03 7.57
CA TRP A 432 13.33 -4.67 6.38
C TRP A 432 14.75 -4.28 6.79
N ASP A 433 15.72 -4.83 6.06
CA ASP A 433 17.17 -4.63 6.23
C ASP A 433 17.77 -5.40 7.40
N GLU A 434 16.98 -6.09 8.20
CA GLU A 434 17.54 -6.91 9.27
C GLU A 434 18.27 -8.13 8.70
N ASP A 435 19.16 -8.68 9.51
CA ASP A 435 19.69 -10.02 9.25
C ASP A 435 18.72 -11.04 9.82
N PRO A 436 18.16 -11.92 9.00
CA PRO A 436 17.14 -12.86 9.47
C PRO A 436 17.67 -14.16 10.08
N SER A 437 18.98 -14.33 10.21
CA SER A 437 19.50 -15.55 10.81
CA SER A 437 19.53 -15.54 10.82
CA SER A 437 19.49 -15.56 10.82
C SER A 437 19.38 -15.50 12.34
N GLY A 438 18.96 -16.62 12.92
CA GLY A 438 18.79 -16.73 14.35
C GLY A 438 17.39 -17.21 14.68
N GLU A 439 16.96 -16.92 15.91
CA GLU A 439 15.72 -17.47 16.43
C GLU A 439 14.54 -16.56 16.10
N TRP A 440 13.57 -17.09 15.36
CA TRP A 440 12.27 -16.47 15.17
C TRP A 440 11.27 -17.06 16.15
N VAL A 441 10.28 -16.27 16.54
CA VAL A 441 9.23 -16.72 17.46
C VAL A 441 7.86 -16.34 16.89
N LEU A 442 6.99 -17.33 16.78
CA LEU A 442 5.59 -17.11 16.44
C LEU A 442 4.76 -17.24 17.71
N GLU A 443 3.87 -16.27 17.97
CA GLU A 443 2.96 -16.30 19.10
C GLU A 443 1.53 -16.28 18.57
N ILE A 444 0.71 -17.20 19.04
CA ILE A 444 -0.73 -17.20 18.75
C ILE A 444 -1.47 -17.17 20.09
N GLU A 445 -2.37 -16.21 20.24
CA GLU A 445 -3.08 -16.03 21.51
C GLU A 445 -4.58 -15.93 21.29
N ASN A 446 -5.34 -16.56 22.18
CA ASN A 446 -6.78 -16.30 22.29
C ASN A 446 -6.97 -15.08 23.19
N THR A 447 -7.40 -13.96 22.59
CA THR A 447 -7.57 -12.71 23.32
C THR A 447 -8.88 -12.63 24.09
N SER A 448 -9.77 -13.61 23.95
CA SER A 448 -11.07 -13.62 24.60
CA SER A 448 -11.05 -13.59 24.62
C SER A 448 -11.01 -14.45 25.87
N GLU A 449 -11.99 -14.23 26.76
CA GLU A 449 -12.17 -15.09 27.91
C GLU A 449 -12.88 -16.41 27.58
N ALA A 450 -13.36 -16.56 26.35
CA ALA A 450 -14.01 -17.80 25.94
C ALA A 450 -13.01 -18.96 25.90
N ASN A 451 -13.53 -20.17 26.06
CA ASN A 451 -12.71 -21.38 25.93
C ASN A 451 -12.68 -21.78 24.46
N ASN A 452 -11.73 -21.20 23.72
CA ASN A 452 -11.58 -21.44 22.30
C ASN A 452 -10.50 -22.50 22.07
N TYR A 453 -10.47 -23.04 20.85
CA TYR A 453 -9.69 -24.24 20.60
C TYR A 453 -9.40 -24.39 19.11
N GLY A 454 -8.27 -25.01 18.80
CA GLY A 454 -7.88 -25.28 17.43
C GLY A 454 -6.44 -25.73 17.38
N THR A 455 -5.94 -25.89 16.14
CA THR A 455 -4.66 -26.52 15.88
C THR A 455 -3.93 -25.79 14.78
N LEU A 456 -2.64 -25.52 15.01
CA LEU A 456 -1.75 -25.03 13.95
C LEU A 456 -1.14 -26.23 13.25
N THR A 457 -1.41 -26.38 11.96
CA THR A 457 -0.90 -27.53 11.23
C THR A 457 0.25 -27.21 10.27
N LYS A 458 0.45 -25.94 9.92
CA LYS A 458 1.59 -25.61 9.06
C LYS A 458 2.03 -24.18 9.35
N PHE A 459 3.34 -23.99 9.43
CA PHE A 459 3.97 -22.67 9.59
C PHE A 459 5.19 -22.66 8.68
N THR A 460 5.08 -21.98 7.54
CA THR A 460 6.19 -21.79 6.61
C THR A 460 6.67 -20.37 6.76
N LEU A 461 7.94 -20.19 7.09
CA LEU A 461 8.57 -18.87 7.13
C LEU A 461 9.22 -18.62 5.78
N VAL A 462 8.81 -17.55 5.10
CA VAL A 462 9.35 -17.21 3.79
C VAL A 462 10.07 -15.87 3.90
N LEU A 463 11.36 -15.89 3.60
CA LEU A 463 12.20 -14.70 3.67
C LEU A 463 12.55 -14.26 2.26
N TYR A 464 12.49 -12.96 2.00
CA TYR A 464 12.93 -12.38 0.75
C TYR A 464 14.06 -11.39 1.04
N GLY A 465 14.98 -11.24 0.09
CA GLY A 465 16.00 -10.23 0.26
C GLY A 465 17.23 -10.56 -0.55
N THR A 466 18.36 -10.08 -0.04
CA THR A 466 19.62 -10.16 -0.77
C THR A 466 20.71 -10.65 0.16
N ALA A 467 21.89 -10.90 -0.42
CA ALA A 467 23.08 -11.28 0.31
C ALA A 467 24.08 -10.13 0.33
N GLY A 468 25.27 -10.39 0.84
CA GLY A 468 26.27 -9.36 1.07
C GLY A 468 26.35 -8.97 2.53
N GLU A 469 27.41 -8.24 2.87
CA GLU A 469 27.60 -7.79 4.24
C GLU A 469 26.44 -6.89 4.65
N ASN A 470 25.81 -7.24 5.77
CA ASN A 470 24.76 -6.38 6.33
C ASN A 470 25.41 -5.26 7.13
N LEU A 471 25.19 -4.01 6.71
CA LEU A 471 25.85 -2.85 7.27
C LEU A 471 24.99 -2.14 8.32
N TYR A 472 24.00 -2.81 8.88
CA TYR A 472 23.14 -2.18 9.89
C TYR A 472 23.38 -2.72 11.29
CA CA B . -5.79 22.79 -11.99
CA CA C . -16.40 2.48 -22.20
CA CA D . 1.74 -4.63 0.06
CA CA E . -9.67 -4.48 5.10
C10 XTA F . -14.29 -3.45 -4.52
C11 XTA F . -15.03 -4.39 -5.21
C13 XTA F . -13.45 -6.22 -5.33
C14 XTA F . -13.27 -7.50 -4.83
C15 XTA F . -12.01 -8.07 -4.97
C16 XTA F . -11.73 -9.46 -4.45
C18 XTA F . -11.17 -11.75 -4.95
C19 XTA F . -11.06 -12.82 -6.01
C20 XTA F . -12.37 -13.08 -6.72
C21 XTA F . -12.21 -14.10 -7.85
C22 XTA F . -13.47 -14.61 -8.46
C25 XTA F . -12.91 -11.76 -7.23
C26 XTA F . -12.97 -10.69 -6.14
C27 XTA F . -11.02 -7.34 -5.59
C28 XTA F . -11.29 -6.05 -6.05
C30 XTA F . -10.27 -5.24 -6.76
C31 XTA F . -10.33 -3.86 -6.76
C32 XTA F . -9.38 -3.14 -7.45
C34 XTA F . -8.36 -3.74 -8.15
C01 XTA F . -17.88 3.20 -4.21
C03 XTA F . -17.95 1.09 -5.35
C04 XTA F . -17.13 0.04 -6.07
C06 XTA F . -15.30 0.52 -4.50
C07 XTA F . -16.19 1.54 -3.83
C08 XTA F . -15.73 -1.82 -5.20
C35 XTA F . -8.32 -5.12 -8.15
C37 XTA F . -9.26 -5.88 -7.48
C38 XTA F . -16.15 -3.94 -5.87
N02 XTA F . -17.09 2.13 -4.81
N05 XTA F . -16.09 -0.51 -5.18
N09 XTA F . -14.63 -2.15 -4.50
N17 XTA F . -11.67 -10.48 -5.50
N29 XTA F . -12.51 -5.50 -5.94
N39 XTA F . -16.51 -2.65 -5.89
O12 XTA F . -14.71 -5.75 -5.18
O23 XTA F . -14.37 -15.10 -7.81
O24 XTA F . -13.51 -14.46 -9.76
CL3 XTA F . -9.45 -1.40 -7.43
CL6 XTA F . -7.08 -5.93 -9.04
H51 XTA F . -13.54 -3.68 -4.04
H52 XTA F . -13.96 -7.97 -4.42
H53 XTA F . -10.92 -9.47 -3.98
H54 XTA F . -12.40 -9.72 -3.84
H55 XTA F . -10.33 -11.62 -4.55
H56 XTA F . -11.76 -12.05 -4.27
H57 XTA F . -10.41 -12.57 -6.65
H58 XTA F . -10.75 -13.62 -5.63
H59 XTA F . -12.99 -13.42 -6.10
H60 XTA F . -11.70 -13.70 -8.53
H61 XTA F . -11.74 -14.84 -7.50
H64 XTA F . -13.78 -11.88 -7.58
H63 XTA F . -12.38 -11.44 -7.94
H66 XTA F . -13.61 -10.94 -5.50
H65 XTA F . -13.28 -9.88 -6.52
H67 XTA F . -10.16 -7.71 -5.69
H68 XTA F . -11.01 -3.41 -6.29
H69 XTA F . -7.72 -3.25 -8.61
H42 XTA F . -18.46 3.57 -4.85
H40 XTA F . -17.32 3.88 -3.89
H41 XTA F . -18.39 2.86 -3.50
H43 XTA F . -18.43 0.68 -4.65
H44 XTA F . -18.58 1.45 -5.94
H45 XTA F . -17.70 -0.65 -6.36
H46 XTA F . -16.74 0.43 -6.83
H48 XTA F . -14.73 0.95 -5.11
H47 XTA F . -14.75 0.12 -3.84
H50 XTA F . -15.66 2.21 -3.44
H49 XTA F . -16.67 1.13 -3.15
H70 XTA F . -9.21 -6.80 -7.50
H71 XTA F . -16.71 -4.52 -6.34
C1 EDO G . 3.45 -12.30 -3.10
O1 EDO G . 3.05 -11.67 -1.88
C2 EDO G . 4.47 -13.40 -2.82
O2 EDO G . 3.84 -14.45 -2.08
H11 EDO G . 2.58 -12.72 -3.61
H12 EDO G . 3.90 -11.55 -3.77
HO1 EDO G . 2.43 -10.97 -2.06
H21 EDO G . 4.87 -13.79 -3.76
H22 EDO G . 5.31 -13.00 -2.25
HO2 EDO G . 4.49 -15.14 -1.89
C1 EDO H . 6.45 2.17 -18.63
O1 EDO H . 6.10 0.78 -18.68
C2 EDO H . 7.51 2.48 -19.67
O2 EDO H . 8.68 1.68 -19.42
H11 EDO H . 5.56 2.78 -18.82
H12 EDO H . 6.82 2.42 -17.63
HO1 EDO H . 5.48 0.57 -17.96
H21 EDO H . 7.13 2.27 -20.67
H22 EDO H . 7.78 3.54 -19.62
HO2 EDO H . 9.35 1.89 -20.07
#